data_6QDZ
#
_entry.id   6QDZ
#
_cell.length_a   65.351
_cell.length_b   73.990
_cell.length_c   77.671
_cell.angle_alpha   90.00
_cell.angle_beta   90.00
_cell.angle_gamma   90.00
#
_symmetry.space_group_name_H-M   'P 21 21 21'
#
loop_
_entity.id
_entity.type
_entity.pdbx_description
1 polymer 'Mitogen-activated protein kinase 14'
2 non-polymer 2-fluoro-4-[4-(4-fluorophenyl)-1H-pyrazol-3-yl]pyridine
3 non-polymer 1-[5-~{tert}-butyl-2-(4-methylphenyl)pyrazol-3-yl]-3-[(1~{S},4~{S})-4-[(3-propan-2-yl-[1,2,4]triazolo[4,3-a]pyridin-6-yl)oxy]-1,2,3,4-tetrahydronaphthalen-1-yl]urea
4 water water
#
_entity_poly.entity_id   1
_entity_poly.type   'polypeptide(L)'
_entity_poly.pdbx_seq_one_letter_code
;GSMSQERPTFYRQELNKTIWEVPERYQNLSPVGSGAYGSVCAAFDTKTGLRVAVKKLSRPFQSIIHAKRTYRELRLLKHM
KHENVIGLLDVFTPARSLEEFNDVYLVTHLMGADLNNIVKCQKLTDDHVQFLIYQILRGLKYIHSADIIHRDLKPSNLAV
NEDCELKILDFGLARHTDDEMTGYVATRWYRAPEIMLNWMHYNQTVDIWSVGCIMAELLTGRTLFPGTDHIDQLKLILRL
VGTPGAELLKKISSESARNYIQSLTQMPKMNFANVFIGANPLAVDLLEKMLVLDSDKRITAAQALAHAYFAQYHDPDDEP
VADPYDQSFESRDLLIDEWKSLTYDEVISFVPPPLDQEEMES
;
_entity_poly.pdbx_strand_id   A
#
loop_
_chem_comp.id
_chem_comp.type
_chem_comp.name
_chem_comp.formula
HYK non-polymer 1-[5-~{tert}-butyl-2-(4-methylphenyl)pyrazol-3-yl]-3-[(1~{S},4~{S})-4-[(3-propan-2-yl-[1,2,4]triazolo[4,3-a]pyridin-6-yl)oxy]-1,2,3,4-tetrahydronaphthalen-1-yl]urea 'C34 H39 N7 O2'
I46 non-polymer 2-fluoro-4-[4-(4-fluorophenyl)-1H-pyrazol-3-yl]pyridine 'C14 H9 F2 N3'
#
# COMPACT_ATOMS: atom_id res chain seq x y z
N ARG A 7 10.66 -25.18 -20.28
CA ARG A 7 10.37 -23.76 -20.55
C ARG A 7 9.09 -23.62 -21.36
N PRO A 8 8.07 -22.85 -20.90
CA PRO A 8 6.79 -22.77 -21.61
C PRO A 8 6.91 -22.11 -22.99
N THR A 9 5.85 -22.26 -23.78
CA THR A 9 5.67 -21.62 -25.10
C THR A 9 5.01 -20.26 -24.89
N PHE A 10 5.61 -19.20 -25.39
CA PHE A 10 5.08 -17.82 -25.28
C PHE A 10 4.27 -17.50 -26.54
N TYR A 11 3.32 -16.57 -26.45
CA TYR A 11 2.66 -15.97 -27.64
C TYR A 11 2.62 -14.46 -27.45
N ARG A 12 2.55 -13.78 -28.58
CA ARG A 12 2.78 -12.33 -28.66
C ARG A 12 1.46 -11.67 -29.10
N GLN A 13 1.08 -10.56 -28.53
CA GLN A 13 -0.04 -9.74 -29.03
C GLN A 13 0.23 -8.31 -28.62
N GLU A 14 -0.55 -7.40 -29.19
CA GLU A 14 -0.47 -5.95 -28.93
C GLU A 14 -1.82 -5.59 -28.34
N LEU A 15 -1.83 -5.10 -27.11
CA LEU A 15 -3.02 -4.50 -26.45
C LEU A 15 -2.69 -3.05 -26.14
N ASN A 16 -3.29 -2.12 -26.89
CA ASN A 16 -3.25 -0.66 -26.60
C ASN A 16 -1.82 -0.14 -26.67
N LYS A 17 -1.18 -0.29 -27.83
CA LYS A 17 0.19 0.23 -28.07
C LYS A 17 1.23 -0.63 -27.33
N THR A 18 0.82 -1.39 -26.31
CA THR A 18 1.75 -2.22 -25.49
C THR A 18 1.76 -3.64 -26.07
N ILE A 19 2.95 -4.20 -26.24
CA ILE A 19 3.17 -5.62 -26.61
C ILE A 19 3.17 -6.51 -25.35
N TRP A 20 2.41 -7.59 -25.35
CA TRP A 20 2.45 -8.64 -24.30
C TRP A 20 2.96 -9.94 -24.90
N GLU A 21 4.04 -10.50 -24.34
CA GLU A 21 4.55 -11.86 -24.68
C GLU A 21 4.51 -12.67 -23.38
N VAL A 22 3.51 -13.54 -23.28
CA VAL A 22 3.16 -14.35 -22.06
C VAL A 22 3.04 -15.82 -22.45
N PRO A 23 3.30 -16.74 -21.50
CA PRO A 23 3.03 -18.16 -21.72
C PRO A 23 1.58 -18.42 -22.13
N GLU A 24 1.41 -19.46 -22.94
CA GLU A 24 0.10 -19.92 -23.44
C GLU A 24 -0.85 -20.30 -22.32
N ARG A 25 -0.31 -20.71 -21.16
CA ARG A 25 -1.06 -20.81 -19.87
C ARG A 25 -2.08 -19.66 -19.75
N TYR A 26 -1.71 -18.43 -20.12
CA TYR A 26 -2.49 -17.21 -19.75
C TYR A 26 -3.31 -16.80 -20.96
N GLN A 27 -4.66 -16.79 -20.85
CA GLN A 27 -5.57 -16.56 -22.02
C GLN A 27 -6.50 -15.38 -21.77
N ASN A 28 -7.10 -14.87 -22.82
CA ASN A 28 -8.14 -13.82 -22.73
C ASN A 28 -7.57 -12.56 -22.07
N LEU A 29 -6.34 -12.19 -22.39
CA LEU A 29 -5.76 -10.94 -21.83
C LEU A 29 -6.66 -9.75 -22.17
N SER A 30 -7.06 -8.95 -21.19
CA SER A 30 -7.78 -7.68 -21.44
C SER A 30 -7.32 -6.61 -20.46
N PRO A 31 -6.96 -5.40 -20.94
CA PRO A 31 -6.49 -4.31 -20.08
C PRO A 31 -7.38 -4.02 -18.86
N VAL A 32 -6.81 -3.71 -17.70
CA VAL A 32 -7.56 -3.19 -16.52
C VAL A 32 -7.23 -1.70 -16.35
N GLY A 33 -5.95 -1.33 -16.41
CA GLY A 33 -5.44 0.02 -16.09
C GLY A 33 -4.02 0.25 -16.61
N SER A 34 -3.77 1.46 -17.11
CA SER A 34 -2.45 1.92 -17.62
C SER A 34 -1.98 1.01 -18.77
N GLY A 38 4.17 0.54 -15.18
CA GLY A 38 3.85 -0.38 -16.29
C GLY A 38 2.38 -0.41 -16.65
N SER A 39 1.91 -1.56 -17.09
CA SER A 39 0.52 -1.75 -17.55
C SER A 39 0.07 -3.14 -17.13
N VAL A 40 -1.24 -3.26 -16.96
CA VAL A 40 -1.86 -4.41 -16.24
C VAL A 40 -2.97 -4.96 -17.12
N CYS A 41 -3.06 -6.28 -17.17
CA CYS A 41 -4.11 -7.05 -17.89
CA CYS A 41 -4.20 -6.96 -17.84
C CYS A 41 -4.75 -8.05 -16.91
N ALA A 42 -6.06 -8.30 -17.06
CA ALA A 42 -6.72 -9.48 -16.52
C ALA A 42 -6.47 -10.61 -17.52
N ALA A 43 -6.24 -11.81 -17.01
CA ALA A 43 -6.15 -13.06 -17.81
C ALA A 43 -6.89 -14.22 -17.17
N PHE A 44 -7.11 -15.27 -17.99
CA PHE A 44 -7.52 -16.59 -17.49
C PHE A 44 -6.29 -17.48 -17.33
N ASP A 45 -6.05 -17.99 -16.14
CA ASP A 45 -4.96 -18.95 -15.84
C ASP A 45 -5.52 -20.37 -16.06
N THR A 46 -5.29 -20.90 -17.23
CA THR A 46 -5.76 -22.26 -17.63
C THR A 46 -5.20 -23.37 -16.70
N LYS A 47 -4.04 -23.15 -16.06
CA LYS A 47 -3.41 -24.20 -15.19
C LYS A 47 -4.23 -24.38 -13.91
N THR A 48 -4.88 -23.33 -13.42
CA THR A 48 -5.53 -23.32 -12.08
C THR A 48 -7.03 -23.06 -12.21
N GLY A 49 -7.49 -22.49 -13.32
CA GLY A 49 -8.91 -22.11 -13.47
C GLY A 49 -9.24 -20.78 -12.78
N LEU A 50 -8.23 -20.03 -12.33
CA LEU A 50 -8.40 -18.72 -11.60
C LEU A 50 -8.25 -17.57 -12.60
N ARG A 51 -8.90 -16.46 -12.34
CA ARG A 51 -8.59 -15.20 -13.04
C ARG A 51 -7.42 -14.50 -12.34
N VAL A 52 -6.49 -13.96 -13.13
CA VAL A 52 -5.23 -13.34 -12.63
C VAL A 52 -5.10 -11.93 -13.20
N ALA A 53 -4.29 -11.15 -12.49
CA ALA A 53 -3.76 -9.86 -12.97
C ALA A 53 -2.28 -10.07 -13.32
N VAL A 54 -1.89 -9.54 -14.46
CA VAL A 54 -0.52 -9.63 -14.99
C VAL A 54 0.02 -8.19 -15.13
N LYS A 55 1.11 -7.86 -14.44
CA LYS A 55 1.75 -6.53 -14.58
C LYS A 55 2.97 -6.73 -15.49
N LYS A 56 3.06 -5.98 -16.56
CA LYS A 56 4.28 -5.94 -17.38
C LYS A 56 5.09 -4.73 -16.95
N LEU A 57 6.33 -4.88 -16.57
CA LEU A 57 7.10 -3.68 -16.12
C LEU A 57 7.54 -2.91 -17.38
N SER A 58 7.33 -1.61 -17.48
CA SER A 58 7.77 -0.93 -18.73
C SER A 58 9.26 -0.54 -18.55
N ARG A 59 10.13 -0.97 -19.47
CA ARG A 59 11.53 -0.45 -19.55
C ARG A 59 12.24 -0.62 -18.20
N PRO A 60 12.29 -1.87 -17.69
CA PRO A 60 12.71 -2.10 -16.32
C PRO A 60 14.17 -1.69 -16.07
N PHE A 61 15.02 -1.62 -17.11
CA PHE A 61 16.46 -1.36 -17.00
C PHE A 61 16.84 -0.07 -17.75
N GLN A 62 15.91 0.89 -17.79
CA GLN A 62 16.09 2.23 -18.44
C GLN A 62 17.12 3.12 -17.72
N SER A 63 17.26 2.92 -16.41
CA SER A 63 18.10 3.74 -15.51
C SER A 63 18.46 2.91 -14.29
N ILE A 64 19.41 3.39 -13.50
CA ILE A 64 19.84 2.67 -12.27
C ILE A 64 18.59 2.63 -11.38
N ILE A 65 17.85 3.74 -11.30
CA ILE A 65 16.65 3.86 -10.43
C ILE A 65 15.54 2.91 -10.88
N HIS A 66 15.21 2.87 -12.15
CA HIS A 66 14.27 1.87 -12.70
C HIS A 66 14.75 0.44 -12.39
N ALA A 67 16.03 0.16 -12.61
CA ALA A 67 16.52 -1.21 -12.43
C ALA A 67 16.36 -1.60 -10.96
N LYS A 68 16.68 -0.69 -10.07
CA LYS A 68 16.56 -0.94 -8.61
C LYS A 68 15.09 -1.04 -8.19
N ARG A 69 14.21 -0.26 -8.79
CA ARG A 69 12.73 -0.37 -8.60
C ARG A 69 12.22 -1.75 -9.04
N THR A 70 12.74 -2.22 -10.14
CA THR A 70 12.42 -3.55 -10.70
C THR A 70 12.79 -4.61 -9.69
N TYR A 71 14.03 -4.58 -9.26
CA TYR A 71 14.54 -5.53 -8.26
C TYR A 71 13.68 -5.43 -6.99
N ARG A 72 13.42 -4.21 -6.54
CA ARG A 72 12.72 -3.98 -5.25
C ARG A 72 11.35 -4.60 -5.29
N GLU A 73 10.55 -4.39 -6.35
CA GLU A 73 9.15 -4.88 -6.47
C GLU A 73 9.20 -6.41 -6.55
N LEU A 74 10.14 -6.95 -7.29
CA LEU A 74 10.20 -8.42 -7.40
C LEU A 74 10.60 -9.01 -6.04
N ARG A 75 11.62 -8.46 -5.38
CA ARG A 75 12.03 -9.01 -4.07
C ARG A 75 10.86 -8.90 -3.07
N LEU A 76 10.18 -7.75 -3.05
CA LEU A 76 9.05 -7.58 -2.09
C LEU A 76 7.95 -8.61 -2.39
N LEU A 77 7.51 -8.67 -3.63
CA LEU A 77 6.36 -9.53 -4.02
C LEU A 77 6.72 -10.99 -3.78
N LYS A 78 7.99 -11.40 -3.91
CA LYS A 78 8.36 -12.81 -3.59
C LYS A 78 8.26 -13.10 -2.11
N HIS A 79 8.49 -12.11 -1.24
CA HIS A 79 8.48 -12.29 0.22
C HIS A 79 7.05 -12.27 0.78
N MET A 80 6.10 -11.53 0.22
CA MET A 80 4.77 -11.28 0.86
C MET A 80 3.90 -12.54 0.73
N LYS A 81 3.60 -13.25 1.83
CA LYS A 81 2.73 -14.46 1.86
C LYS A 81 1.71 -14.34 3.00
N HIS A 82 0.66 -13.59 2.72
CA HIS A 82 -0.38 -13.20 3.69
C HIS A 82 -1.67 -13.02 2.91
N GLU A 83 -2.81 -13.41 3.52
CA GLU A 83 -4.17 -13.29 2.93
C GLU A 83 -4.57 -11.86 2.55
N ASN A 84 -4.04 -10.84 3.23
CA ASN A 84 -4.47 -9.43 3.02
C ASN A 84 -3.37 -8.59 2.39
N VAL A 85 -2.38 -9.22 1.74
CA VAL A 85 -1.28 -8.55 1.00
C VAL A 85 -1.15 -9.23 -0.37
N ILE A 86 -0.95 -8.43 -1.42
CA ILE A 86 -0.67 -9.01 -2.76
C ILE A 86 0.52 -9.99 -2.62
N GLY A 87 0.38 -11.16 -3.24
CA GLY A 87 1.41 -12.19 -3.38
C GLY A 87 1.62 -12.60 -4.84
N LEU A 88 2.72 -13.29 -5.10
CA LEU A 88 3.09 -13.65 -6.48
C LEU A 88 2.67 -15.10 -6.75
N LEU A 89 1.79 -15.29 -7.75
CA LEU A 89 1.44 -16.63 -8.31
C LEU A 89 2.56 -17.06 -9.28
N ASP A 90 3.05 -16.12 -10.10
CA ASP A 90 4.09 -16.41 -11.11
C ASP A 90 4.86 -15.17 -11.41
N VAL A 91 6.03 -15.37 -11.98
CA VAL A 91 6.87 -14.30 -12.57
C VAL A 91 7.66 -14.95 -13.73
N PHE A 92 7.72 -14.25 -14.84
CA PHE A 92 8.27 -14.80 -16.09
C PHE A 92 8.85 -13.66 -16.95
N THR A 93 9.74 -14.07 -17.84
CA THR A 93 10.32 -13.27 -18.95
C THR A 93 10.34 -14.14 -20.21
N PRO A 94 10.01 -13.59 -21.38
CA PRO A 94 10.23 -14.37 -22.62
C PRO A 94 11.73 -14.59 -22.96
N ALA A 95 12.63 -13.78 -22.39
CA ALA A 95 14.10 -13.95 -22.56
C ALA A 95 14.55 -15.38 -22.19
N ARG A 96 15.50 -15.96 -22.93
CA ARG A 96 16.02 -17.33 -22.61
C ARG A 96 17.43 -17.20 -22.00
N SER A 97 18.00 -16.00 -21.91
CA SER A 97 19.35 -15.73 -21.35
C SER A 97 19.37 -14.41 -20.58
N LEU A 98 20.29 -14.29 -19.62
CA LEU A 98 20.60 -13.00 -18.97
C LEU A 98 20.81 -11.96 -20.06
N GLU A 99 21.59 -12.27 -21.09
CA GLU A 99 21.99 -11.20 -22.06
C GLU A 99 20.75 -10.56 -22.64
N GLU A 100 19.77 -11.36 -23.05
CA GLU A 100 18.58 -10.79 -23.75
C GLU A 100 17.49 -10.42 -22.72
N PHE A 101 17.68 -10.69 -21.44
CA PHE A 101 16.67 -10.33 -20.41
C PHE A 101 16.34 -8.84 -20.51
N ASN A 102 15.12 -8.45 -20.91
CA ASN A 102 14.77 -7.01 -20.93
C ASN A 102 13.31 -6.77 -20.59
N ASP A 103 12.59 -7.75 -20.10
CA ASP A 103 11.15 -7.62 -19.77
C ASP A 103 10.83 -8.48 -18.57
N VAL A 104 9.94 -8.00 -17.71
CA VAL A 104 9.57 -8.73 -16.48
C VAL A 104 8.05 -8.69 -16.40
N TYR A 105 7.41 -9.84 -16.20
CA TYR A 105 5.95 -9.88 -15.94
C TYR A 105 5.68 -10.49 -14.56
N LEU A 106 4.71 -9.89 -13.88
CA LEU A 106 4.29 -10.33 -12.52
C LEU A 106 2.83 -10.79 -12.56
N VAL A 107 2.54 -11.89 -11.90
CA VAL A 107 1.17 -12.47 -11.92
C VAL A 107 0.65 -12.61 -10.50
N THR A 108 -0.56 -12.17 -10.25
CA THR A 108 -1.23 -12.32 -8.94
C THR A 108 -2.72 -12.61 -9.13
N HIS A 109 -3.42 -12.91 -8.02
CA HIS A 109 -4.88 -13.21 -8.00
C HIS A 109 -5.63 -11.94 -8.37
N LEU A 110 -6.59 -12.02 -9.28
CA LEU A 110 -7.39 -10.86 -9.70
C LEU A 110 -8.51 -10.71 -8.69
N MET A 111 -8.62 -9.54 -8.06
CA MET A 111 -9.67 -9.27 -7.05
C MET A 111 -10.83 -8.61 -7.78
N GLY A 112 -10.56 -7.67 -8.69
CA GLY A 112 -11.58 -7.18 -9.66
C GLY A 112 -12.03 -5.76 -9.39
N ALA A 113 -11.84 -5.23 -8.19
CA ALA A 113 -12.25 -3.85 -7.81
C ALA A 113 -11.28 -3.30 -6.76
N ASP A 114 -11.27 -1.98 -6.66
CA ASP A 114 -10.58 -1.28 -5.54
C ASP A 114 -11.63 -0.64 -4.62
N LEU A 115 -11.17 -0.09 -3.51
CA LEU A 115 -12.08 0.43 -2.46
C LEU A 115 -12.77 1.72 -2.94
N ASN A 116 -12.21 2.52 -3.84
CA ASN A 116 -12.95 3.63 -4.52
C ASN A 116 -14.23 3.10 -5.16
N ASN A 117 -14.12 2.00 -5.92
CA ASN A 117 -15.25 1.32 -6.61
C ASN A 117 -16.30 0.96 -5.57
N ILE A 118 -15.90 0.24 -4.53
CA ILE A 118 -16.79 -0.11 -3.38
C ILE A 118 -16.96 1.14 -2.50
N LEU A 124 -22.36 0.76 2.61
CA LEU A 124 -21.58 0.07 3.67
C LEU A 124 -22.23 0.27 5.04
N THR A 125 -22.59 -0.84 5.68
CA THR A 125 -22.98 -0.83 7.11
C THR A 125 -21.71 -0.63 7.95
N ASP A 126 -21.94 -0.48 9.25
CA ASP A 126 -20.89 -0.49 10.30
C ASP A 126 -20.13 -1.80 10.20
N ASP A 127 -20.86 -2.92 9.97
CA ASP A 127 -20.23 -4.27 9.98
C ASP A 127 -19.27 -4.32 8.79
N HIS A 128 -19.63 -3.71 7.66
CA HIS A 128 -18.79 -3.75 6.45
C HIS A 128 -17.54 -2.94 6.75
N VAL A 129 -17.67 -1.79 7.39
CA VAL A 129 -16.49 -0.97 7.74
C VAL A 129 -15.58 -1.77 8.69
N GLN A 130 -16.15 -2.45 9.66
CA GLN A 130 -15.36 -3.28 10.60
C GLN A 130 -14.52 -4.28 9.81
N PHE A 131 -15.16 -4.97 8.86
CA PHE A 131 -14.49 -6.10 8.17
C PHE A 131 -13.36 -5.56 7.26
N LEU A 132 -13.64 -4.47 6.57
CA LEU A 132 -12.69 -3.86 5.59
C LEU A 132 -11.49 -3.28 6.35
N ILE A 133 -11.74 -2.57 7.43
CA ILE A 133 -10.61 -1.96 8.18
C ILE A 133 -9.86 -3.05 8.93
N TYR A 134 -10.55 -4.07 9.50
CA TYR A 134 -9.88 -5.22 10.14
C TYR A 134 -8.84 -5.82 9.17
N GLN A 135 -9.24 -6.01 7.91
CA GLN A 135 -8.42 -6.70 6.90
C GLN A 135 -7.20 -5.80 6.59
N ILE A 136 -7.42 -4.50 6.43
CA ILE A 136 -6.32 -3.55 6.14
C ILE A 136 -5.32 -3.68 7.29
N LEU A 137 -5.81 -3.66 8.54
CA LEU A 137 -4.87 -3.67 9.72
C LEU A 137 -4.19 -5.03 9.83
N ARG A 138 -4.85 -6.14 9.46
CA ARG A 138 -4.24 -7.47 9.60
C ARG A 138 -3.10 -7.57 8.56
N GLY A 139 -3.31 -7.07 7.36
CA GLY A 139 -2.23 -6.97 6.32
C GLY A 139 -1.11 -6.02 6.75
N LEU A 140 -1.46 -4.90 7.35
CA LEU A 140 -0.43 -3.92 7.79
C LEU A 140 0.38 -4.45 8.95
N LYS A 141 -0.23 -5.17 9.89
CA LYS A 141 0.53 -5.85 10.96
C LYS A 141 1.64 -6.64 10.29
N TYR A 142 1.29 -7.38 9.25
CA TYR A 142 2.22 -8.31 8.59
C TYR A 142 3.37 -7.49 7.95
N ILE A 143 3.00 -6.49 7.15
CA ILE A 143 3.98 -5.67 6.38
C ILE A 143 4.94 -4.97 7.37
N HIS A 144 4.39 -4.34 8.40
CA HIS A 144 5.18 -3.62 9.43
C HIS A 144 6.12 -4.58 10.17
N SER A 145 5.72 -5.85 10.32
CA SER A 145 6.56 -6.87 10.99
C SER A 145 7.82 -7.21 10.18
N ALA A 146 7.83 -6.93 8.90
CA ALA A 146 9.01 -7.08 7.99
C ALA A 146 9.86 -5.81 7.92
N ASP A 147 9.51 -4.80 8.72
CA ASP A 147 10.15 -3.45 8.73
C ASP A 147 9.94 -2.73 7.39
N ILE A 148 8.77 -2.87 6.79
CA ILE A 148 8.41 -2.15 5.54
C ILE A 148 7.38 -1.12 5.95
N ILE A 149 7.51 0.06 5.42
CA ILE A 149 6.45 1.07 5.52
C ILE A 149 5.81 1.10 4.15
N HIS A 150 4.51 1.20 4.07
CA HIS A 150 3.83 1.21 2.74
C HIS A 150 4.04 2.61 2.12
N ARG A 151 3.65 3.65 2.84
CA ARG A 151 3.87 5.10 2.52
C ARG A 151 2.82 5.66 1.58
N ASP A 152 2.03 4.86 0.90
CA ASP A 152 1.01 5.38 -0.03
C ASP A 152 -0.29 4.57 0.08
N LEU A 153 -0.75 4.29 1.31
CA LEU A 153 -2.07 3.65 1.49
C LEU A 153 -3.19 4.62 1.13
N LYS A 154 -4.13 4.21 0.29
CA LYS A 154 -5.25 5.04 -0.21
C LYS A 154 -6.21 4.08 -0.91
N PRO A 155 -7.52 4.41 -1.09
CA PRO A 155 -8.53 3.46 -1.54
C PRO A 155 -8.11 2.74 -2.82
N SER A 156 -7.43 3.44 -3.72
CA SER A 156 -6.98 2.93 -5.04
C SER A 156 -5.83 1.91 -4.88
N ASN A 157 -5.17 1.83 -3.75
CA ASN A 157 -4.18 0.75 -3.48
C ASN A 157 -4.76 -0.41 -2.65
N LEU A 158 -6.09 -0.51 -2.55
CA LEU A 158 -6.74 -1.60 -1.81
C LEU A 158 -7.69 -2.33 -2.75
N ALA A 159 -7.36 -3.60 -3.01
CA ALA A 159 -8.06 -4.47 -4.00
C ALA A 159 -9.10 -5.30 -3.27
N VAL A 160 -10.33 -5.33 -3.80
CA VAL A 160 -11.47 -5.96 -3.07
C VAL A 160 -12.19 -6.88 -4.05
N ASN A 161 -12.45 -8.12 -3.66
CA ASN A 161 -13.18 -9.08 -4.56
C ASN A 161 -14.68 -8.96 -4.22
N GLU A 162 -15.52 -9.78 -4.88
CA GLU A 162 -16.99 -9.80 -4.65
C GLU A 162 -17.35 -10.27 -3.22
N ASP A 163 -16.54 -11.09 -2.57
CA ASP A 163 -16.70 -11.53 -1.16
C ASP A 163 -16.28 -10.43 -0.16
N CYS A 164 -16.00 -9.20 -0.60
CA CYS A 164 -15.40 -8.07 0.23
C CYS A 164 -14.13 -8.57 0.98
N GLU A 165 -13.42 -9.55 0.40
CA GLU A 165 -12.03 -9.85 0.85
C GLU A 165 -11.09 -8.78 0.26
N LEU A 166 -10.09 -8.37 1.03
CA LEU A 166 -9.25 -7.19 0.67
C LEU A 166 -7.76 -7.54 0.69
N LYS A 167 -7.00 -6.99 -0.26
CA LYS A 167 -5.53 -7.10 -0.27
C LYS A 167 -4.90 -5.72 -0.43
N ILE A 168 -3.84 -5.45 0.33
CA ILE A 168 -3.03 -4.21 0.17
C ILE A 168 -2.09 -4.42 -1.03
N LEU A 169 -2.07 -3.46 -1.92
CA LEU A 169 -1.11 -3.44 -3.06
C LEU A 169 -0.50 -2.04 -3.21
N ASP A 170 0.38 -1.89 -4.20
CA ASP A 170 0.92 -0.55 -4.52
C ASP A 170 1.07 -0.48 -6.04
N PHE A 171 0.22 0.32 -6.67
CA PHE A 171 0.27 0.59 -8.13
C PHE A 171 1.46 1.50 -8.45
N GLY A 172 1.99 2.25 -7.48
CA GLY A 172 2.94 3.35 -7.74
C GLY A 172 2.29 4.46 -8.56
N ALA A 186 -5.96 11.82 -5.39
CA ALA A 186 -4.80 12.59 -4.88
C ALA A 186 -4.16 11.85 -3.71
N THR A 187 -2.88 11.48 -3.84
CA THR A 187 -2.13 10.75 -2.79
C THR A 187 -2.14 11.56 -1.51
N ARG A 188 -2.01 12.89 -1.68
CA ARG A 188 -1.76 13.77 -0.53
C ARG A 188 -2.94 13.64 0.43
N TRP A 189 -4.15 13.26 -0.02
CA TRP A 189 -5.35 13.34 0.84
C TRP A 189 -5.23 12.38 2.04
N TYR A 190 -4.49 11.27 1.90
CA TYR A 190 -4.35 10.16 2.87
C TYR A 190 -2.99 10.18 3.55
N ARG A 191 -2.23 11.22 3.28
CA ARG A 191 -0.83 11.32 3.72
C ARG A 191 -0.71 11.94 5.13
N ALA A 192 0.16 11.32 5.93
CA ALA A 192 0.55 11.80 7.28
C ALA A 192 1.00 13.25 7.25
N PRO A 193 0.59 14.09 8.25
CA PRO A 193 1.02 15.49 8.27
C PRO A 193 2.55 15.67 8.34
N GLU A 194 3.24 14.74 9.00
CA GLU A 194 4.72 14.79 9.10
C GLU A 194 5.33 14.62 7.73
N ILE A 195 4.68 13.87 6.81
CA ILE A 195 5.19 13.78 5.42
C ILE A 195 4.95 15.10 4.65
N MET A 196 3.80 15.77 4.80
CA MET A 196 3.54 17.07 4.15
C MET A 196 4.65 18.02 4.64
N LEU A 197 5.06 17.88 5.91
CA LEU A 197 6.04 18.80 6.54
C LEU A 197 7.46 18.45 6.08
N ASN A 198 7.66 17.27 5.48
CA ASN A 198 8.94 16.80 4.90
C ASN A 198 9.88 16.38 6.03
N TRP A 199 9.34 15.78 7.08
CA TRP A 199 10.23 15.17 8.11
C TRP A 199 10.84 13.89 7.53
N MET A 200 12.16 13.85 7.50
CA MET A 200 13.01 12.69 7.12
C MET A 200 12.86 11.43 8.00
N HIS A 201 12.36 11.47 9.23
CA HIS A 201 12.52 10.36 10.21
C HIS A 201 11.16 9.78 10.59
N TYR A 202 10.18 9.90 9.71
CA TYR A 202 8.82 9.41 9.95
C TYR A 202 8.90 7.88 10.11
N ASN A 203 7.95 7.30 10.84
CA ASN A 203 7.91 5.88 11.29
C ASN A 203 6.71 5.16 10.66
N GLN A 204 6.47 3.90 11.07
CA GLN A 204 5.41 3.09 10.45
C GLN A 204 4.03 3.72 10.62
N THR A 205 3.83 4.61 11.62
CA THR A 205 2.44 5.04 11.92
C THR A 205 1.97 6.04 10.85
N VAL A 206 2.79 6.41 9.89
CA VAL A 206 2.29 7.17 8.71
C VAL A 206 1.20 6.32 8.02
N ASP A 207 1.33 5.00 8.04
CA ASP A 207 0.38 4.11 7.38
C ASP A 207 -0.91 4.09 8.22
N ILE A 208 -0.79 4.18 9.56
CA ILE A 208 -1.99 4.14 10.48
C ILE A 208 -2.78 5.45 10.25
N TRP A 209 -2.09 6.57 10.06
CA TRP A 209 -2.75 7.83 9.65
C TRP A 209 -3.62 7.54 8.42
N SER A 210 -3.02 6.99 7.38
CA SER A 210 -3.73 6.76 6.10
C SER A 210 -4.98 5.91 6.40
N VAL A 211 -4.84 4.84 7.19
CA VAL A 211 -5.98 3.93 7.51
C VAL A 211 -7.08 4.75 8.21
N GLY A 212 -6.67 5.63 9.10
CA GLY A 212 -7.61 6.57 9.73
C GLY A 212 -8.36 7.37 8.71
N CYS A 213 -7.69 7.94 7.71
CA CYS A 213 -8.33 8.77 6.68
C CYS A 213 -9.29 7.87 5.89
N ILE A 214 -8.90 6.65 5.59
CA ILE A 214 -9.78 5.71 4.84
C ILE A 214 -11.02 5.35 5.66
N MET A 215 -10.87 4.95 6.91
CA MET A 215 -12.01 4.53 7.76
C MET A 215 -12.99 5.69 7.86
N ALA A 216 -12.51 6.91 8.10
CA ALA A 216 -13.34 8.13 8.15
C ALA A 216 -14.20 8.20 6.88
N GLU A 217 -13.59 8.12 5.73
CA GLU A 217 -14.28 8.26 4.44
C GLU A 217 -15.33 7.13 4.24
N LEU A 218 -15.08 5.94 4.77
CA LEU A 218 -16.02 4.79 4.63
C LEU A 218 -17.22 5.03 5.57
N LEU A 219 -16.98 5.63 6.73
CA LEU A 219 -18.05 5.83 7.73
C LEU A 219 -18.95 6.97 7.21
N THR A 220 -18.38 8.02 6.62
CA THR A 220 -19.05 9.33 6.39
C THR A 220 -19.44 9.51 4.95
N GLY A 221 -18.78 8.80 4.06
CA GLY A 221 -18.96 8.99 2.62
C GLY A 221 -18.26 10.20 2.06
N ARG A 222 -17.49 10.97 2.83
CA ARG A 222 -16.69 12.12 2.30
C ARG A 222 -15.17 11.93 2.55
N THR A 223 -14.34 12.40 1.63
CA THR A 223 -12.89 12.59 1.88
C THR A 223 -12.71 13.39 3.16
N LEU A 224 -11.95 12.86 4.12
CA LEU A 224 -11.73 13.60 5.38
C LEU A 224 -11.03 14.91 5.07
N PHE A 225 -9.90 14.85 4.37
CA PHE A 225 -8.98 16.00 4.19
C PHE A 225 -8.68 16.22 2.71
N PRO A 226 -9.58 16.83 1.96
CA PRO A 226 -9.38 16.98 0.51
C PRO A 226 -8.54 18.22 0.16
N GLY A 227 -7.27 18.21 0.55
CA GLY A 227 -6.37 19.36 0.33
C GLY A 227 -6.03 19.56 -1.14
N THR A 228 -5.83 20.82 -1.53
CA THR A 228 -5.52 21.21 -2.94
C THR A 228 -4.00 21.19 -3.19
N ASP A 229 -3.16 21.15 -2.15
CA ASP A 229 -1.66 21.25 -2.17
C ASP A 229 -1.19 20.91 -0.76
N HIS A 230 0.11 20.78 -0.51
CA HIS A 230 0.71 20.30 0.76
C HIS A 230 0.43 21.30 1.92
N ILE A 231 0.37 22.60 1.59
CA ILE A 231 -0.01 23.68 2.55
C ILE A 231 -1.50 23.60 2.95
N ASP A 232 -2.39 23.53 1.95
CA ASP A 232 -3.85 23.33 2.13
C ASP A 232 -4.12 22.03 2.92
N GLN A 233 -3.41 20.95 2.61
CA GLN A 233 -3.58 19.63 3.24
C GLN A 233 -3.23 19.77 4.73
N LEU A 234 -2.09 20.40 5.05
CA LEU A 234 -1.66 20.56 6.46
C LEU A 234 -2.71 21.38 7.25
N LYS A 235 -3.23 22.44 6.65
CA LYS A 235 -4.26 23.32 7.30
C LYS A 235 -5.56 22.56 7.58
N LEU A 236 -6.06 21.79 6.63
CA LEU A 236 -7.23 20.92 6.84
C LEU A 236 -6.98 19.94 7.98
N ILE A 237 -5.82 19.26 8.02
CA ILE A 237 -5.43 18.31 9.12
C ILE A 237 -5.44 19.02 10.48
N LEU A 238 -4.80 20.18 10.59
CA LEU A 238 -4.60 20.80 11.92
C LEU A 238 -5.94 21.36 12.42
N ARG A 239 -6.89 21.62 11.53
CA ARG A 239 -8.27 22.08 11.89
C ARG A 239 -8.95 20.98 12.72
N LEU A 240 -8.77 19.71 12.36
CA LEU A 240 -9.35 18.59 13.13
C LEU A 240 -8.51 18.26 14.36
N VAL A 241 -7.19 18.00 14.19
CA VAL A 241 -6.38 17.39 15.26
C VAL A 241 -5.71 18.44 16.13
N GLY A 242 -5.92 19.73 15.86
CA GLY A 242 -5.28 20.84 16.61
C GLY A 242 -3.92 21.19 16.03
N THR A 243 -3.43 22.40 16.26
CA THR A 243 -2.00 22.71 16.03
C THR A 243 -1.21 21.91 17.05
N PRO A 244 0.09 21.65 16.82
CA PRO A 244 0.93 20.97 17.81
C PRO A 244 0.97 21.57 19.24
N GLY A 245 0.94 20.68 20.22
CA GLY A 245 1.21 21.02 21.63
C GLY A 245 2.69 21.00 21.91
N ALA A 246 3.07 21.33 23.13
CA ALA A 246 4.46 21.68 23.50
C ALA A 246 5.38 20.44 23.32
N GLU A 247 4.89 19.27 23.69
CA GLU A 247 5.65 18.00 23.67
C GLU A 247 6.01 17.69 22.22
N LEU A 248 5.07 17.93 21.32
CA LEU A 248 5.36 17.65 19.90
C LEU A 248 6.28 18.77 19.36
N LEU A 249 6.02 20.04 19.66
CA LEU A 249 6.89 21.13 19.12
C LEU A 249 8.38 20.88 19.46
N LYS A 250 8.67 20.30 20.63
CA LYS A 250 10.06 20.10 21.11
C LYS A 250 10.78 19.11 20.21
N LYS A 251 10.07 18.32 19.39
CA LYS A 251 10.70 17.23 18.61
C LYS A 251 11.02 17.73 17.20
N ILE A 252 10.68 19.00 16.91
CA ILE A 252 10.74 19.57 15.53
C ILE A 252 12.07 20.30 15.37
N SER A 253 12.99 19.73 14.59
CA SER A 253 14.37 20.29 14.42
C SER A 253 14.30 21.60 13.60
N SER A 254 13.60 21.55 12.49
CA SER A 254 13.56 22.65 11.52
C SER A 254 12.96 23.95 12.10
N GLU A 255 13.77 25.00 12.10
CA GLU A 255 13.41 26.40 12.38
C GLU A 255 12.34 26.84 11.38
N SER A 256 12.53 26.64 10.06
CA SER A 256 11.49 27.14 9.14
C SER A 256 10.16 26.42 9.46
N ALA A 257 10.15 25.09 9.65
CA ALA A 257 8.93 24.33 9.93
C ALA A 257 8.23 24.89 11.20
N ARG A 258 8.96 25.02 12.28
CA ARG A 258 8.36 25.57 13.52
C ARG A 258 7.87 27.01 13.24
N ASN A 259 8.65 27.84 12.54
CA ASN A 259 8.25 29.26 12.29
C ASN A 259 6.89 29.28 11.63
N TYR A 260 6.68 28.42 10.64
CA TYR A 260 5.41 28.35 9.87
C TYR A 260 4.26 27.87 10.80
N ILE A 261 4.46 26.75 11.47
CA ILE A 261 3.36 26.08 12.26
C ILE A 261 2.91 26.97 13.43
N GLN A 262 3.86 27.48 14.16
CA GLN A 262 3.62 28.31 15.36
C GLN A 262 3.10 29.72 14.98
N SER A 263 3.28 30.13 13.72
CA SER A 263 2.73 31.39 13.15
C SER A 263 1.30 31.21 12.68
N LEU A 264 0.77 29.99 12.51
CA LEU A 264 -0.65 29.81 12.18
C LEU A 264 -1.51 30.24 13.37
N THR A 265 -2.78 30.57 13.10
CA THR A 265 -3.77 30.74 14.18
C THR A 265 -3.86 29.40 14.88
N GLN A 266 -3.59 29.40 16.20
CA GLN A 266 -3.54 28.16 17.00
C GLN A 266 -4.95 27.56 17.09
N MET A 267 -5.03 26.21 17.02
CA MET A 267 -6.29 25.46 16.86
C MET A 267 -6.30 24.31 17.87
N PRO A 268 -7.42 24.11 18.61
CA PRO A 268 -7.54 22.99 19.54
C PRO A 268 -7.93 21.73 18.77
N LYS A 269 -7.60 20.57 19.34
CA LYS A 269 -8.17 19.28 18.89
C LYS A 269 -9.70 19.35 18.93
N MET A 270 -10.39 19.00 17.84
CA MET A 270 -11.87 18.97 17.83
C MET A 270 -12.40 17.74 18.60
N ASN A 271 -13.67 17.80 18.99
CA ASN A 271 -14.30 16.68 19.69
C ASN A 271 -14.75 15.69 18.62
N PHE A 272 -14.07 14.55 18.54
CA PHE A 272 -14.33 13.54 17.47
C PHE A 272 -15.76 13.02 17.60
N ALA A 273 -16.28 12.87 18.81
CA ALA A 273 -17.68 12.45 19.03
C ALA A 273 -18.62 13.41 18.28
N ASN A 274 -18.31 14.71 18.21
CA ASN A 274 -19.09 15.73 17.43
C ASN A 274 -18.88 15.61 15.93
N VAL A 275 -17.63 15.59 15.49
CA VAL A 275 -17.30 15.57 14.05
C VAL A 275 -17.95 14.35 13.40
N PHE A 276 -17.84 13.17 14.03
CA PHE A 276 -18.26 11.88 13.41
C PHE A 276 -19.55 11.34 14.06
N ILE A 277 -20.36 12.24 14.62
CA ILE A 277 -21.70 11.94 15.20
C ILE A 277 -22.53 11.16 14.16
N GLY A 278 -23.14 10.10 14.67
CA GLY A 278 -23.90 9.14 13.86
C GLY A 278 -23.13 7.87 13.75
N ALA A 279 -21.79 7.91 13.67
CA ALA A 279 -20.95 6.69 13.59
C ALA A 279 -21.01 5.89 14.89
N ASN A 280 -20.80 4.58 14.80
CA ASN A 280 -20.59 3.72 15.99
C ASN A 280 -19.55 4.39 16.90
N PRO A 281 -19.91 4.74 18.15
CA PRO A 281 -18.94 5.36 19.06
C PRO A 281 -17.63 4.54 19.24
N LEU A 282 -17.69 3.23 19.05
CA LEU A 282 -16.45 2.43 19.14
C LEU A 282 -15.57 2.75 17.91
N ALA A 283 -16.17 2.99 16.74
CA ALA A 283 -15.44 3.35 15.52
C ALA A 283 -14.76 4.70 15.80
N VAL A 284 -15.46 5.65 16.44
CA VAL A 284 -14.97 7.03 16.66
C VAL A 284 -13.77 6.94 17.62
N ASP A 285 -13.87 6.09 18.63
CA ASP A 285 -12.81 5.92 19.64
C ASP A 285 -11.54 5.43 18.94
N LEU A 286 -11.63 4.42 18.07
CA LEU A 286 -10.48 3.96 17.25
C LEU A 286 -9.95 5.09 16.32
N LEU A 287 -10.81 5.82 15.59
CA LEU A 287 -10.40 7.00 14.76
C LEU A 287 -9.54 7.96 15.57
N GLU A 288 -9.90 8.22 16.81
CA GLU A 288 -9.11 9.14 17.68
C GLU A 288 -7.73 8.53 17.96
N LYS A 289 -7.59 7.20 18.05
CA LYS A 289 -6.29 6.57 18.40
C LYS A 289 -5.38 6.55 17.15
N MET A 290 -5.98 6.49 15.95
CA MET A 290 -5.25 6.54 14.66
C MET A 290 -4.84 7.97 14.28
N LEU A 291 -5.70 8.95 14.46
CA LEU A 291 -5.46 10.30 13.94
C LEU A 291 -4.90 11.23 15.04
N VAL A 292 -4.16 10.72 16.00
CA VAL A 292 -3.36 11.58 16.94
C VAL A 292 -2.21 12.25 16.15
N LEU A 293 -2.04 13.55 16.37
CA LEU A 293 -1.13 14.33 15.53
C LEU A 293 0.29 13.83 15.75
N ASP A 294 0.73 13.67 17.00
CA ASP A 294 2.10 13.20 17.28
C ASP A 294 2.20 11.69 16.89
N SER A 295 3.01 11.38 15.89
CA SER A 295 3.12 9.99 15.34
C SER A 295 3.58 9.06 16.44
N ASP A 296 4.31 9.54 17.41
CA ASP A 296 4.79 8.69 18.52
C ASP A 296 3.59 8.25 19.38
N LYS A 297 2.42 8.88 19.30
CA LYS A 297 1.28 8.54 20.21
C LYS A 297 0.22 7.73 19.46
N ARG A 298 0.34 7.59 18.13
CA ARG A 298 -0.62 6.83 17.31
C ARG A 298 -0.57 5.33 17.65
N ILE A 299 -1.74 4.71 17.63
CA ILE A 299 -1.89 3.24 17.80
C ILE A 299 -1.11 2.53 16.68
N THR A 300 -0.50 1.39 16.99
CA THR A 300 0.12 0.50 15.96
C THR A 300 -0.95 -0.39 15.32
N ALA A 301 -0.57 -1.06 14.26
CA ALA A 301 -1.47 -2.05 13.65
C ALA A 301 -1.78 -3.19 14.62
N ALA A 302 -0.78 -3.74 15.31
CA ALA A 302 -1.05 -4.86 16.26
C ALA A 302 -2.03 -4.41 17.34
N GLN A 303 -1.79 -3.25 17.93
CA GLN A 303 -2.72 -2.72 18.98
C GLN A 303 -4.12 -2.48 18.44
N ALA A 304 -4.27 -1.96 17.23
CA ALA A 304 -5.56 -1.66 16.62
C ALA A 304 -6.37 -2.94 16.43
N LEU A 305 -5.73 -4.10 16.16
CA LEU A 305 -6.47 -5.38 15.93
C LEU A 305 -7.16 -5.84 17.21
N ALA A 306 -6.57 -5.57 18.37
CA ALA A 306 -7.08 -5.90 19.71
C ALA A 306 -8.13 -4.88 20.18
N HIS A 307 -8.39 -3.78 19.47
CA HIS A 307 -9.43 -2.80 19.84
C HIS A 307 -10.84 -3.42 19.76
N ALA A 308 -11.71 -3.05 20.71
CA ALA A 308 -13.06 -3.66 20.86
C ALA A 308 -13.91 -3.53 19.57
N TYR A 309 -13.59 -2.57 18.68
CA TYR A 309 -14.34 -2.37 17.41
C TYR A 309 -14.31 -3.63 16.53
N PHE A 310 -13.22 -4.41 16.63
CA PHE A 310 -13.01 -5.64 15.84
C PHE A 310 -13.29 -6.92 16.64
N ALA A 311 -14.03 -6.85 17.76
CA ALA A 311 -14.36 -8.05 18.59
C ALA A 311 -14.88 -9.20 17.71
N GLN A 312 -15.63 -8.92 16.65
CA GLN A 312 -16.30 -10.01 15.88
C GLN A 312 -15.29 -10.71 14.96
N TYR A 313 -14.15 -10.07 14.69
CA TYR A 313 -13.14 -10.51 13.70
C TYR A 313 -11.82 -10.89 14.37
N HIS A 314 -11.43 -10.20 15.46
CA HIS A 314 -10.08 -10.34 16.04
C HIS A 314 -9.81 -11.78 16.48
N ASP A 315 -8.71 -12.35 16.05
CA ASP A 315 -8.17 -13.59 16.65
C ASP A 315 -6.65 -13.53 16.66
N PRO A 316 -6.04 -13.42 17.84
CA PRO A 316 -4.59 -13.23 17.93
C PRO A 316 -3.84 -14.49 17.45
N ASP A 317 -4.49 -15.63 17.32
CA ASP A 317 -3.82 -16.83 16.76
C ASP A 317 -3.88 -16.82 15.23
N ASP A 318 -4.64 -15.89 14.62
CA ASP A 318 -4.78 -15.88 13.15
C ASP A 318 -4.45 -14.49 12.58
N GLU A 319 -3.40 -13.89 13.11
CA GLU A 319 -2.91 -12.54 12.74
C GLU A 319 -1.40 -12.66 12.61
N PRO A 320 -0.92 -13.41 11.61
CA PRO A 320 0.49 -13.73 11.57
C PRO A 320 1.38 -12.53 11.24
N VAL A 321 2.66 -12.68 11.59
CA VAL A 321 3.78 -11.74 11.25
C VAL A 321 4.62 -12.34 10.13
N ALA A 322 5.46 -11.54 9.50
CA ALA A 322 6.30 -11.91 8.35
C ALA A 322 7.61 -12.55 8.82
N ASP A 323 8.09 -13.50 8.02
CA ASP A 323 9.51 -13.96 8.01
C ASP A 323 10.41 -12.75 7.82
N PRO A 324 11.64 -12.82 8.33
CA PRO A 324 12.61 -11.71 8.21
C PRO A 324 12.81 -11.36 6.73
N TYR A 325 12.79 -10.07 6.44
CA TYR A 325 12.93 -9.50 5.06
C TYR A 325 14.25 -8.74 4.94
N ASP A 326 15.12 -9.22 4.06
CA ASP A 326 16.43 -8.57 3.82
C ASP A 326 16.23 -7.41 2.85
N GLN A 327 16.36 -6.18 3.36
CA GLN A 327 16.39 -4.95 2.54
C GLN A 327 17.76 -4.24 2.57
N SER A 328 18.86 -4.95 2.91
CA SER A 328 20.23 -4.36 2.92
C SER A 328 20.56 -3.72 1.54
N PHE A 329 20.01 -4.31 0.47
CA PHE A 329 20.17 -3.84 -0.94
C PHE A 329 19.78 -2.36 -1.09
N GLU A 330 18.77 -1.91 -0.35
CA GLU A 330 18.40 -0.47 -0.41
C GLU A 330 19.61 0.44 -0.24
N SER A 331 20.65 0.11 0.54
CA SER A 331 21.76 1.09 0.72
C SER A 331 22.82 0.94 -0.38
N ARG A 332 22.69 -0.08 -1.24
CA ARG A 332 23.74 -0.37 -2.26
C ARG A 332 23.57 0.58 -3.45
N ASP A 333 24.70 0.92 -4.08
CA ASP A 333 24.88 1.77 -5.28
C ASP A 333 25.54 0.89 -6.35
N LEU A 334 24.73 0.29 -7.21
CA LEU A 334 25.23 -0.76 -8.14
C LEU A 334 24.99 -0.24 -9.56
N LEU A 335 25.66 -0.88 -10.50
CA LEU A 335 25.45 -0.66 -11.95
C LEU A 335 24.13 -1.26 -12.43
N ILE A 336 23.54 -0.68 -13.48
CA ILE A 336 22.31 -1.23 -14.12
C ILE A 336 22.49 -2.73 -14.32
N ASP A 337 23.60 -3.16 -14.92
CA ASP A 337 23.77 -4.60 -15.21
C ASP A 337 23.79 -5.46 -13.94
N GLU A 338 24.27 -4.90 -12.84
CA GLU A 338 24.21 -5.65 -11.57
C GLU A 338 22.77 -5.79 -11.08
N TRP A 339 21.96 -4.70 -11.07
CA TRP A 339 20.53 -4.76 -10.64
C TRP A 339 19.80 -5.76 -11.54
N LYS A 340 20.15 -5.76 -12.82
CA LYS A 340 19.56 -6.66 -13.84
C LYS A 340 19.91 -8.13 -13.58
N SER A 341 21.14 -8.46 -13.25
CA SER A 341 21.54 -9.87 -13.02
C SER A 341 20.89 -10.35 -11.71
N LEU A 342 20.82 -9.46 -10.72
CA LEU A 342 20.19 -9.80 -9.43
C LEU A 342 18.71 -10.14 -9.68
N THR A 343 18.04 -9.38 -10.55
CA THR A 343 16.60 -9.45 -10.86
C THR A 343 16.40 -10.75 -11.60
N TYR A 344 17.35 -11.05 -12.48
CA TYR A 344 17.32 -12.33 -13.28
C TYR A 344 17.45 -13.54 -12.36
N ASP A 345 18.34 -13.52 -11.39
CA ASP A 345 18.50 -14.66 -10.44
C ASP A 345 17.23 -14.84 -9.60
N GLU A 346 16.58 -13.75 -9.23
CA GLU A 346 15.27 -13.80 -8.53
C GLU A 346 14.15 -14.40 -9.40
N VAL A 347 14.09 -14.09 -10.69
CA VAL A 347 13.07 -14.68 -11.60
C VAL A 347 13.33 -16.20 -11.64
N ILE A 348 14.59 -16.62 -11.81
CA ILE A 348 14.99 -18.04 -12.01
C ILE A 348 14.68 -18.85 -10.74
N SER A 349 14.93 -18.32 -9.54
CA SER A 349 14.76 -19.01 -8.25
C SER A 349 13.29 -19.03 -7.82
N PHE A 350 12.36 -18.37 -8.55
CA PHE A 350 10.96 -18.26 -8.10
C PHE A 350 10.36 -19.67 -7.96
N VAL A 351 9.71 -19.95 -6.86
CA VAL A 351 8.91 -21.21 -6.65
C VAL A 351 7.45 -20.85 -6.39
N PRO A 352 6.51 -21.29 -7.25
CA PRO A 352 5.13 -20.88 -7.10
C PRO A 352 4.55 -21.43 -5.81
N PRO A 353 3.48 -20.80 -5.28
CA PRO A 353 2.81 -21.29 -4.08
C PRO A 353 2.01 -22.53 -4.49
N PRO A 354 1.87 -23.52 -3.59
CA PRO A 354 0.91 -24.62 -3.76
C PRO A 354 -0.52 -24.25 -4.23
C1 I46 B . 3.07 17.10 11.93
C2 I46 B . 4.50 18.09 13.54
C3 I46 B . 2.55 18.36 11.61
C4 I46 B . 4.03 19.37 13.21
C5 I46 B . 8.13 15.18 14.41
C6 I46 B . 9.42 15.67 14.31
C7 I46 B . 7.48 16.55 12.59
C8 I46 B . 3.61 14.68 13.68
C9 I46 B . 4.05 16.95 12.89
C10 I46 B . 3.06 19.46 12.28
C11 I46 B . 7.13 15.64 13.56
C12 I46 B . 8.80 16.97 12.57
C13 I46 B . 4.53 15.61 13.29
C14 I46 B . 5.75 15.10 13.65
N15 I46 B . 4.25 13.63 14.15
N16 I46 B . 9.78 16.52 13.33
N17 I46 B . 5.59 13.84 14.13
F18 I46 B . 2.60 20.67 11.92
F19 I46 B . 9.18 17.77 11.58
N1 HYK C . 4.74 -2.93 -4.20
N3 HYK C . 2.14 -4.64 -7.68
C4 HYK C . 5.29 -1.49 -6.07
C5 HYK C . 6.22 -0.83 -6.82
C6 HYK C . 7.58 -0.86 -6.48
C7 HYK C . 7.95 -1.58 -5.37
C8 HYK C . 7.02 -2.29 -4.63
C10 HYK C . 3.50 -3.84 -0.92
C13 HYK C . 3.95 -5.22 -0.43
C15 HYK C . 0.83 -4.75 -8.26
C17 HYK C . -1.03 -3.54 -9.27
C20 HYK C . 0.65 -5.91 -9.25
C21 HYK C . 1.45 -7.03 -9.15
C22 HYK C . 1.28 -8.10 -10.02
C24 HYK C . -0.52 -6.91 -11.09
C26 HYK C . -4.79 -5.04 -9.82
C28 HYK C . -7.17 -5.43 -9.26
C9 HYK C . 8.60 -0.09 -7.27
C3 HYK C . 5.69 -2.22 -4.98
N HYK C . 4.80 -2.88 -2.82
C2 HYK C . 3.82 -3.67 -2.40
C12 HYK C . 1.99 -3.72 -0.69
C11 HYK C . 4.22 -2.78 -0.09
C1 HYK C . 3.12 -4.19 -3.50
C HYK C . 3.77 -3.76 -4.61
N2 HYK C . 3.47 -4.00 -5.94
C14 HYK C . 2.22 -4.27 -6.39
O1 HYK C . 1.21 -4.26 -5.63
C16 HYK C . 0.39 -3.43 -8.85
C18 HYK C . -1.18 -4.58 -10.35
O HYK C . -2.60 -4.82 -10.41
C25 HYK C . -3.49 -5.57 -9.69
C33 HYK C . -3.27 -6.74 -9.00
C32 HYK C . -4.34 -7.43 -8.47
C27 HYK C . -5.65 -6.89 -8.61
N5 HYK C . -6.82 -7.33 -8.19
N6 HYK C . -7.78 -6.39 -8.61
C29 HYK C . -7.72 -4.17 -9.82
C31 HYK C . -7.55 -3.06 -8.79
C30 HYK C . -9.17 -4.29 -10.28
N4 HYK C . -5.84 -5.71 -9.27
C19 HYK C . -0.37 -5.86 -10.18
C23 HYK C . 0.30 -8.03 -10.99
#